data_5U2D
#
_entry.id   5U2D
#
_cell.length_a   54.700
_cell.length_b   81.360
_cell.length_c   58.360
_cell.angle_alpha   90.000
_cell.angle_beta   111.070
_cell.angle_gamma   90.000
#
_symmetry.space_group_name_H-M   'P 1 21 1'
#
loop_
_entity.id
_entity.type
_entity.pdbx_description
1 polymer 'Estrogen receptor'
2 polymer 'Nuclear receptor coactivator 2'
3 non-polymer 'cyclohexa-2,5-dien-1-yl (1S,2R,4S)-5,6-bis(4-hydroxyphenyl)-7-oxabicyclo[2.2.1]hept-5-ene-2-sulfonate'
4 water water
#
loop_
_entity_poly.entity_id
_entity_poly.type
_entity_poly.pdbx_seq_one_letter_code
_entity_poly.pdbx_strand_id
1 'polypeptide(L)'
;IKRSKKNSLALSLTADQMVSALLDAEPPILYSEYDPTRPFSEASMMGLLTNLADRELVHMINWAKRVPGFVDLTLHDQVH
LLECAWLEILMIGLVWRSMEHPGKLLFAPNLLLDRNQGKCVEGMVEIFDMLLATSSRFRMMNLQGEEFVCLKSIILLNSG
VYTFLSSTLKSLEEKDHIHRVLDKITDTLIHLMAKAGLTLQQQHQRLAQLLLILSHIRHMSNKGMEHLYSMKCKNVVPLS
DLLLEMLDAHRLHAPTS
;
A,B
2 'polypeptide(L)' KHKILHRLLQDSS C,D
#
loop_
_chem_comp.id
_chem_comp.type
_chem_comp.name
_chem_comp.formula
OBH non-polymer 'cyclohexa-2,5-dien-1-yl (1S,2R,4S)-5,6-bis(4-hydroxyphenyl)-7-oxabicyclo[2.2.1]hept-5-ene-2-sulfonate' 'C24 H22 O6 S'
#
# COMPACT_ATOMS: atom_id res chain seq x y z
N SER A 8 -8.88 3.60 -25.37
CA SER A 8 -10.17 3.30 -26.01
C SER A 8 -10.28 1.81 -26.30
N LEU A 9 -9.19 1.20 -26.79
CA LEU A 9 -9.12 -0.23 -27.12
C LEU A 9 -9.29 -1.08 -25.85
N ALA A 10 -8.81 -0.58 -24.70
CA ALA A 10 -8.93 -1.21 -23.40
C ALA A 10 -10.39 -1.27 -22.97
N LEU A 11 -11.19 -0.22 -23.28
CA LEU A 11 -12.60 -0.10 -22.91
C LEU A 11 -13.51 -0.95 -23.79
N SER A 12 -13.05 -1.27 -25.01
CA SER A 12 -13.84 -2.06 -25.95
C SER A 12 -13.67 -3.54 -25.69
N LEU A 13 -12.68 -3.93 -24.87
CA LEU A 13 -12.41 -5.34 -24.57
C LEU A 13 -13.45 -5.98 -23.67
N THR A 14 -13.84 -7.21 -24.01
CA THR A 14 -14.73 -8.00 -23.16
C THR A 14 -13.81 -8.51 -22.04
N ALA A 15 -14.38 -9.03 -20.95
CA ALA A 15 -13.58 -9.58 -19.85
C ALA A 15 -12.68 -10.74 -20.34
N ASP A 16 -13.23 -11.66 -21.18
CA ASP A 16 -12.44 -12.77 -21.73
C ASP A 16 -11.28 -12.26 -22.59
N GLN A 17 -11.51 -11.19 -23.37
CA GLN A 17 -10.48 -10.60 -24.24
C GLN A 17 -9.39 -9.94 -23.42
N MET A 18 -9.77 -9.29 -22.27
CA MET A 18 -8.86 -8.67 -21.34
C MET A 18 -7.95 -9.74 -20.77
N VAL A 19 -8.53 -10.87 -20.29
CA VAL A 19 -7.76 -12.01 -19.76
C VAL A 19 -6.77 -12.57 -20.83
N SER A 20 -7.26 -12.86 -22.06
N SER A 20 -7.26 -12.86 -22.04
CA SER A 20 -6.41 -13.39 -23.12
CA SER A 20 -6.42 -13.38 -23.13
C SER A 20 -5.23 -12.44 -23.43
C SER A 20 -5.24 -12.45 -23.44
N ALA A 21 -5.49 -11.12 -23.55
CA ALA A 21 -4.43 -10.13 -23.82
C ALA A 21 -3.39 -10.06 -22.69
N LEU A 22 -3.83 -10.09 -21.40
CA LEU A 22 -2.92 -10.09 -20.23
C LEU A 22 -2.09 -11.39 -20.17
N LEU A 23 -2.71 -12.55 -20.47
CA LEU A 23 -1.99 -13.82 -20.49
C LEU A 23 -0.92 -13.85 -21.59
N ASP A 24 -1.25 -13.33 -22.79
CA ASP A 24 -0.30 -13.31 -23.91
C ASP A 24 0.87 -12.34 -23.69
N ALA A 25 0.64 -11.27 -22.92
CA ALA A 25 1.59 -10.22 -22.60
C ALA A 25 2.62 -10.67 -21.55
N GLU A 26 2.39 -11.82 -20.88
CA GLU A 26 3.23 -12.31 -19.79
C GLU A 26 4.72 -12.39 -20.13
N PRO A 27 5.60 -11.80 -19.28
CA PRO A 27 7.04 -11.89 -19.56
C PRO A 27 7.55 -13.31 -19.27
N PRO A 28 8.72 -13.67 -19.81
CA PRO A 28 9.26 -15.01 -19.53
C PRO A 28 9.90 -15.10 -18.15
N ILE A 29 10.14 -16.33 -17.69
CA ILE A 29 10.81 -16.56 -16.42
C ILE A 29 12.30 -16.64 -16.75
N LEU A 30 13.11 -15.77 -16.15
CA LEU A 30 14.55 -15.72 -16.40
C LEU A 30 15.33 -16.57 -15.40
N TYR A 31 16.58 -16.93 -15.78
CA TYR A 31 17.49 -17.69 -14.92
C TYR A 31 18.47 -16.73 -14.28
N SER A 32 18.90 -17.07 -13.06
CA SER A 32 19.90 -16.31 -12.35
C SER A 32 21.24 -16.89 -12.76
N GLU A 33 22.34 -16.28 -12.29
CA GLU A 33 23.66 -16.79 -12.58
C GLU A 33 24.12 -17.66 -11.41
N TYR A 34 23.15 -18.17 -10.60
CA TYR A 34 23.44 -18.96 -9.40
C TYR A 34 24.30 -20.18 -9.70
N ASP A 35 25.34 -20.33 -8.90
CA ASP A 35 26.26 -21.44 -8.99
C ASP A 35 26.34 -22.11 -7.59
N PRO A 36 25.73 -23.32 -7.46
CA PRO A 36 25.72 -24.03 -6.16
C PRO A 36 27.07 -24.50 -5.63
N THR A 37 28.12 -24.47 -6.47
CA THR A 37 29.47 -24.85 -6.08
C THR A 37 30.17 -23.68 -5.38
N ARG A 38 29.63 -22.46 -5.56
CA ARG A 38 30.12 -21.22 -4.95
C ARG A 38 29.35 -20.95 -3.64
N PRO A 39 30.04 -20.56 -2.54
CA PRO A 39 29.31 -20.27 -1.30
C PRO A 39 28.60 -18.91 -1.33
N PHE A 40 27.61 -18.73 -0.45
CA PHE A 40 26.86 -17.48 -0.38
C PHE A 40 27.50 -16.45 0.53
N SER A 41 27.33 -15.17 0.16
CA SER A 41 27.82 -14.00 0.89
C SER A 41 26.85 -12.85 0.65
N GLU A 42 27.01 -11.73 1.38
CA GLU A 42 26.15 -10.55 1.22
C GLU A 42 26.29 -9.98 -0.18
N ALA A 43 27.55 -9.81 -0.64
CA ALA A 43 27.87 -9.29 -1.96
C ALA A 43 27.34 -10.17 -3.12
N SER A 44 27.59 -11.51 -3.08
CA SER A 44 27.19 -12.44 -4.14
C SER A 44 25.67 -12.59 -4.26
N MET A 45 24.99 -12.68 -3.11
CA MET A 45 23.52 -12.73 -3.02
C MET A 45 22.95 -11.43 -3.64
N MET A 46 23.49 -10.24 -3.26
CA MET A 46 23.06 -8.96 -3.80
C MET A 46 23.36 -8.87 -5.29
N GLY A 47 24.50 -9.43 -5.69
CA GLY A 47 24.91 -9.53 -7.09
C GLY A 47 23.93 -10.34 -7.94
N LEU A 48 23.57 -11.55 -7.48
CA LEU A 48 22.60 -12.41 -8.21
C LEU A 48 21.24 -11.73 -8.34
N LEU A 49 20.72 -11.14 -7.24
CA LEU A 49 19.40 -10.54 -7.25
C LEU A 49 19.32 -9.29 -8.09
N THR A 50 20.37 -8.45 -8.06
CA THR A 50 20.42 -7.22 -8.84
C THR A 50 20.51 -7.54 -10.34
N ASN A 51 21.39 -8.46 -10.70
CA ASN A 51 21.57 -8.87 -12.09
C ASN A 51 20.25 -9.45 -12.64
N LEU A 52 19.56 -10.25 -11.82
CA LEU A 52 18.28 -10.84 -12.19
C LEU A 52 17.22 -9.74 -12.38
N ALA A 53 17.03 -8.85 -11.37
CA ALA A 53 16.07 -7.74 -11.40
C ALA A 53 16.32 -6.85 -12.62
N ASP A 54 17.59 -6.57 -12.91
CA ASP A 54 18.01 -5.77 -14.04
C ASP A 54 17.50 -6.36 -15.37
N ARG A 55 17.71 -7.65 -15.63
CA ARG A 55 17.25 -8.30 -16.87
C ARG A 55 15.72 -8.38 -16.93
N GLU A 56 15.08 -8.59 -15.77
CA GLU A 56 13.61 -8.56 -15.65
C GLU A 56 13.00 -7.22 -16.01
N LEU A 57 13.67 -6.09 -15.63
CA LEU A 57 13.17 -4.76 -15.94
C LEU A 57 12.93 -4.55 -17.40
N VAL A 58 13.85 -5.01 -18.24
CA VAL A 58 13.70 -4.85 -19.66
C VAL A 58 12.42 -5.58 -20.16
N HIS A 59 12.15 -6.80 -19.67
CA HIS A 59 10.96 -7.56 -20.07
C HIS A 59 9.66 -6.91 -19.50
N MET A 60 9.78 -6.28 -18.32
CA MET A 60 8.67 -5.60 -17.65
C MET A 60 8.23 -4.39 -18.49
N ILE A 61 9.23 -3.61 -19.02
CA ILE A 61 8.97 -2.44 -19.87
C ILE A 61 8.15 -2.88 -21.08
N ASN A 62 8.57 -3.99 -21.73
CA ASN A 62 7.87 -4.49 -22.91
C ASN A 62 6.52 -5.11 -22.53
N TRP A 63 6.39 -5.72 -21.32
CA TRP A 63 5.10 -6.23 -20.83
C TRP A 63 4.11 -5.08 -20.61
N ALA A 64 4.57 -3.96 -19.97
CA ALA A 64 3.72 -2.80 -19.66
C ALA A 64 3.05 -2.21 -20.92
N LYS A 65 3.80 -2.17 -22.02
CA LYS A 65 3.34 -1.67 -23.31
C LYS A 65 2.19 -2.52 -23.86
N ARG A 66 2.07 -3.76 -23.39
CA ARG A 66 1.02 -4.69 -23.84
C ARG A 66 -0.18 -4.74 -22.87
N VAL A 67 -0.10 -4.00 -21.74
CA VAL A 67 -1.17 -3.91 -20.74
C VAL A 67 -2.26 -2.97 -21.33
N PRO A 68 -3.49 -3.45 -21.61
CA PRO A 68 -4.50 -2.58 -22.21
C PRO A 68 -4.66 -1.24 -21.53
N GLY A 69 -4.63 -0.19 -22.34
CA GLY A 69 -4.77 1.19 -21.90
C GLY A 69 -3.47 1.88 -21.55
N PHE A 70 -2.39 1.11 -21.32
CA PHE A 70 -1.10 1.69 -20.95
C PHE A 70 -0.47 2.60 -22.01
N VAL A 71 -0.45 2.18 -23.30
CA VAL A 71 0.14 2.98 -24.40
C VAL A 71 -0.71 4.20 -24.75
N ASP A 72 -1.94 4.28 -24.19
CA ASP A 72 -2.85 5.42 -24.41
C ASP A 72 -2.42 6.59 -23.55
N LEU A 73 -1.47 6.34 -22.63
CA LEU A 73 -0.94 7.36 -21.75
C LEU A 73 0.25 8.09 -22.38
N THR A 74 0.57 9.28 -21.86
CA THR A 74 1.73 10.03 -22.31
C THR A 74 2.98 9.31 -21.83
N LEU A 75 4.08 9.49 -22.56
CA LEU A 75 5.39 8.90 -22.22
C LEU A 75 5.83 9.23 -20.79
N HIS A 76 5.68 10.49 -20.36
N HIS A 76 5.65 10.50 -20.37
CA HIS A 76 6.00 10.92 -19.00
CA HIS A 76 5.94 11.00 -19.02
C HIS A 76 5.18 10.14 -17.95
C HIS A 76 5.18 10.15 -17.98
N ASP A 77 3.89 9.85 -18.24
CA ASP A 77 3.02 9.09 -17.33
C ASP A 77 3.36 7.61 -17.31
N GLN A 78 3.77 7.04 -18.44
CA GLN A 78 4.21 5.65 -18.53
C GLN A 78 5.47 5.49 -17.69
N VAL A 79 6.41 6.45 -17.78
CA VAL A 79 7.67 6.46 -17.03
C VAL A 79 7.36 6.51 -15.52
N HIS A 80 6.46 7.46 -15.11
CA HIS A 80 6.03 7.64 -13.72
C HIS A 80 5.41 6.34 -13.16
N LEU A 81 4.43 5.72 -13.85
CA LEU A 81 3.84 4.47 -13.34
C LEU A 81 4.88 3.35 -13.15
N LEU A 82 5.82 3.18 -14.12
CA LEU A 82 6.86 2.14 -14.03
C LEU A 82 7.89 2.44 -12.96
N GLU A 83 8.23 3.72 -12.79
CA GLU A 83 9.13 4.12 -11.72
C GLU A 83 8.52 3.80 -10.36
N CYS A 84 7.23 4.10 -10.19
N CYS A 84 7.22 4.10 -10.18
CA CYS A 84 6.53 3.85 -8.92
CA CYS A 84 6.55 3.84 -8.90
C CYS A 84 6.29 2.37 -8.63
C CYS A 84 6.30 2.36 -8.62
N ALA A 85 5.88 1.59 -9.64
CA ALA A 85 5.49 0.17 -9.45
C ALA A 85 6.53 -0.92 -9.70
N TRP A 86 7.71 -0.63 -10.29
CA TRP A 86 8.63 -1.74 -10.69
C TRP A 86 8.90 -2.79 -9.59
N LEU A 87 9.22 -2.37 -8.35
CA LEU A 87 9.54 -3.35 -7.31
C LEU A 87 8.30 -4.11 -6.85
N GLU A 88 7.14 -3.46 -6.80
CA GLU A 88 5.86 -4.15 -6.47
C GLU A 88 5.59 -5.22 -7.52
N ILE A 89 5.85 -4.92 -8.79
CA ILE A 89 5.63 -5.86 -9.89
C ILE A 89 6.58 -7.06 -9.85
N LEU A 90 7.89 -6.82 -9.55
CA LEU A 90 8.88 -7.92 -9.41
C LEU A 90 8.48 -8.82 -8.23
N MET A 91 8.03 -8.21 -7.14
CA MET A 91 7.60 -8.88 -5.92
C MET A 91 6.37 -9.69 -6.17
N ILE A 92 5.33 -9.14 -6.84
CA ILE A 92 4.14 -9.99 -7.09
C ILE A 92 4.49 -11.19 -7.98
N GLY A 93 5.37 -10.99 -8.97
CA GLY A 93 5.80 -12.09 -9.83
C GLY A 93 6.51 -13.13 -9.01
N LEU A 94 7.44 -12.68 -8.12
CA LEU A 94 8.17 -13.62 -7.26
C LEU A 94 7.20 -14.43 -6.35
N VAL A 95 6.26 -13.76 -5.65
CA VAL A 95 5.35 -14.49 -4.76
C VAL A 95 4.45 -15.48 -5.57
N TRP A 96 4.10 -15.12 -6.83
CA TRP A 96 3.32 -15.99 -7.71
C TRP A 96 4.12 -17.25 -8.05
N ARG A 97 5.33 -17.07 -8.59
CA ARG A 97 6.07 -18.27 -8.94
C ARG A 97 6.56 -19.08 -7.70
N SER A 98 6.51 -18.49 -6.49
CA SER A 98 6.90 -19.17 -5.24
C SER A 98 5.77 -19.96 -4.57
N MET A 99 4.51 -19.76 -5.01
CA MET A 99 3.32 -20.38 -4.44
C MET A 99 3.45 -21.88 -4.14
N GLU A 100 3.88 -22.68 -5.14
CA GLU A 100 4.03 -24.13 -4.97
C GLU A 100 5.34 -24.56 -4.24
N HIS A 101 6.04 -23.62 -3.60
CA HIS A 101 7.27 -23.94 -2.85
C HIS A 101 7.14 -23.39 -1.42
N PRO A 102 6.34 -24.07 -0.54
CA PRO A 102 6.19 -23.57 0.83
C PRO A 102 7.52 -23.37 1.55
N GLY A 103 7.63 -22.25 2.25
CA GLY A 103 8.83 -21.87 2.98
C GLY A 103 9.99 -21.39 2.12
N LYS A 104 9.78 -21.24 0.78
CA LYS A 104 10.84 -20.80 -0.14
C LYS A 104 10.41 -19.76 -1.16
N LEU A 105 11.40 -19.05 -1.71
CA LEU A 105 11.17 -18.02 -2.73
C LEU A 105 11.88 -18.44 -4.02
N LEU A 106 11.10 -18.73 -5.06
CA LEU A 106 11.62 -19.15 -6.36
C LEU A 106 11.97 -17.91 -7.16
N PHE A 107 13.14 -17.34 -6.89
CA PHE A 107 13.63 -16.17 -7.61
C PHE A 107 13.82 -16.52 -9.07
N ALA A 108 14.27 -17.74 -9.35
CA ALA A 108 14.48 -18.19 -10.72
C ALA A 108 14.38 -19.73 -10.72
N PRO A 109 14.23 -20.46 -11.85
CA PRO A 109 14.12 -21.91 -11.73
C PRO A 109 15.33 -22.54 -11.08
N ASN A 110 16.48 -21.84 -11.14
CA ASN A 110 17.74 -22.31 -10.56
C ASN A 110 18.12 -21.58 -9.27
N LEU A 111 17.20 -20.77 -8.73
CA LEU A 111 17.48 -20.02 -7.52
C LEU A 111 16.26 -20.09 -6.58
N LEU A 112 16.24 -21.11 -5.72
CA LEU A 112 15.17 -21.34 -4.74
C LEU A 112 15.79 -21.08 -3.37
N LEU A 113 15.34 -20.02 -2.67
CA LEU A 113 15.92 -19.60 -1.39
C LEU A 113 14.98 -19.68 -0.20
N ASP A 114 15.52 -20.14 0.96
CA ASP A 114 14.90 -20.26 2.27
C ASP A 114 14.96 -18.90 2.95
N ARG A 115 14.25 -18.72 4.10
CA ARG A 115 14.33 -17.47 4.85
C ARG A 115 15.73 -17.30 5.47
N ASN A 116 16.41 -18.43 5.78
CA ASN A 116 17.76 -18.47 6.35
C ASN A 116 18.81 -17.89 5.42
N GLN A 117 18.63 -18.08 4.11
CA GLN A 117 19.52 -17.52 3.11
C GLN A 117 19.32 -16.00 3.01
N GLY A 118 18.11 -15.52 3.31
CA GLY A 118 17.80 -14.09 3.37
C GLY A 118 18.60 -13.36 4.45
N LYS A 119 19.11 -14.10 5.46
CA LYS A 119 19.92 -13.53 6.54
C LYS A 119 21.33 -13.15 6.06
N CYS A 120 21.68 -13.52 4.79
CA CYS A 120 22.97 -13.20 4.17
C CYS A 120 23.13 -11.69 3.98
N VAL A 121 22.03 -11.00 3.65
CA VAL A 121 22.03 -9.56 3.47
C VAL A 121 21.35 -8.88 4.67
N GLU A 122 21.98 -7.85 5.24
CA GLU A 122 21.46 -7.09 6.37
C GLU A 122 20.14 -6.45 5.99
N GLY A 123 19.13 -6.65 6.83
CA GLY A 123 17.77 -6.12 6.61
C GLY A 123 16.90 -6.91 5.64
N MET A 124 17.45 -7.94 4.97
CA MET A 124 16.68 -8.69 3.97
C MET A 124 15.70 -9.75 4.54
N VAL A 125 16.07 -10.45 5.62
CA VAL A 125 15.21 -11.51 6.17
C VAL A 125 13.78 -11.00 6.50
N GLU A 126 13.65 -9.77 7.02
CA GLU A 126 12.34 -9.20 7.36
C GLU A 126 11.43 -9.13 6.11
N ILE A 127 12.02 -8.78 4.94
CA ILE A 127 11.32 -8.71 3.66
C ILE A 127 10.97 -10.11 3.15
N PHE A 128 11.93 -11.04 3.27
CA PHE A 128 11.73 -12.43 2.85
C PHE A 128 10.56 -13.01 3.62
N ASP A 129 10.47 -12.73 4.93
CA ASP A 129 9.34 -13.20 5.75
C ASP A 129 8.02 -12.64 5.23
N MET A 130 7.98 -11.35 4.88
CA MET A 130 6.77 -10.77 4.33
C MET A 130 6.42 -11.38 2.97
N LEU A 131 7.43 -11.56 2.09
CA LEU A 131 7.21 -12.17 0.77
C LEU A 131 6.69 -13.62 0.93
N LEU A 132 7.24 -14.39 1.88
CA LEU A 132 6.81 -15.78 2.15
C LEU A 132 5.37 -15.82 2.67
N ALA A 133 5.00 -14.86 3.54
CA ALA A 133 3.65 -14.76 4.09
C ALA A 133 2.63 -14.50 2.97
N THR A 134 2.98 -13.59 2.05
CA THR A 134 2.15 -13.23 0.90
C THR A 134 1.99 -14.43 -0.01
N SER A 135 3.09 -15.17 -0.27
CA SER A 135 3.07 -16.37 -1.11
C SER A 135 2.16 -17.44 -0.48
N SER A 136 2.28 -17.64 0.85
CA SER A 136 1.41 -18.54 1.63
C SER A 136 -0.05 -18.11 1.51
N ARG A 137 -0.33 -16.80 1.59
CA ARG A 137 -1.69 -16.28 1.47
C ARG A 137 -2.26 -16.60 0.07
N PHE A 138 -1.46 -16.37 -1.02
CA PHE A 138 -1.88 -16.70 -2.38
C PHE A 138 -2.18 -18.20 -2.55
N ARG A 139 -1.35 -19.05 -1.93
CA ARG A 139 -1.52 -20.50 -1.98
C ARG A 139 -2.81 -20.99 -1.30
N MET A 140 -3.09 -20.48 -0.10
CA MET A 140 -4.28 -20.85 0.66
C MET A 140 -5.56 -20.38 -0.05
N MET A 141 -5.49 -19.24 -0.75
CA MET A 141 -6.62 -18.71 -1.52
C MET A 141 -6.75 -19.42 -2.87
N ASN A 142 -5.75 -20.26 -3.25
CA ASN A 142 -5.68 -20.95 -4.55
C ASN A 142 -5.76 -19.89 -5.71
N LEU A 143 -4.92 -18.84 -5.61
CA LEU A 143 -4.85 -17.79 -6.63
C LEU A 143 -4.62 -18.37 -8.05
N GLN A 144 -5.47 -17.97 -9.01
CA GLN A 144 -5.39 -18.47 -10.40
C GLN A 144 -4.54 -17.56 -11.24
N GLY A 145 -3.93 -18.12 -12.29
CA GLY A 145 -3.07 -17.36 -13.22
C GLY A 145 -3.77 -16.15 -13.80
N GLU A 146 -5.05 -16.32 -14.16
CA GLU A 146 -5.93 -15.29 -14.71
C GLU A 146 -6.11 -14.13 -13.72
N GLU A 147 -6.24 -14.46 -12.42
CA GLU A 147 -6.37 -13.43 -11.38
C GLU A 147 -5.03 -12.72 -11.18
N PHE A 148 -3.94 -13.49 -11.13
CA PHE A 148 -2.57 -12.95 -10.96
C PHE A 148 -2.29 -11.85 -12.00
N VAL A 149 -2.59 -12.13 -13.30
CA VAL A 149 -2.32 -11.16 -14.38
C VAL A 149 -3.18 -9.90 -14.20
N CYS A 150 -4.40 -10.03 -13.69
CA CYS A 150 -5.25 -8.88 -13.41
C CYS A 150 -4.61 -8.03 -12.30
N LEU A 151 -4.18 -8.69 -11.21
CA LEU A 151 -3.55 -7.98 -10.09
C LEU A 151 -2.28 -7.26 -10.49
N LYS A 152 -1.42 -7.91 -11.28
CA LYS A 152 -0.16 -7.29 -11.68
C LYS A 152 -0.43 -6.02 -12.50
N SER A 153 -1.43 -6.06 -13.38
CA SER A 153 -1.85 -4.93 -14.20
C SER A 153 -2.42 -3.80 -13.33
N ILE A 154 -3.19 -4.16 -12.27
CA ILE A 154 -3.79 -3.19 -11.33
C ILE A 154 -2.64 -2.46 -10.63
N ILE A 155 -1.63 -3.21 -10.17
CA ILE A 155 -0.44 -2.61 -9.54
C ILE A 155 0.19 -1.54 -10.46
N LEU A 156 0.42 -1.86 -11.75
CA LEU A 156 1.04 -0.94 -12.68
C LEU A 156 0.24 0.35 -12.84
N LEU A 157 -1.06 0.19 -13.05
CA LEU A 157 -1.95 1.32 -13.27
C LEU A 157 -2.30 2.10 -12.02
N ASN A 158 -2.40 1.43 -10.88
CA ASN A 158 -2.77 2.09 -9.62
C ASN A 158 -1.64 2.72 -8.82
N SER A 159 -0.44 2.17 -8.86
CA SER A 159 0.54 2.60 -7.88
C SER A 159 1.07 4.05 -8.03
N GLY A 160 0.99 4.61 -9.22
CA GLY A 160 1.45 5.97 -9.43
C GLY A 160 0.36 6.95 -9.79
N VAL A 161 -0.93 6.50 -9.84
CA VAL A 161 -2.06 7.33 -10.27
C VAL A 161 -2.27 8.63 -9.42
N TYR A 162 -1.97 8.64 -8.10
CA TYR A 162 -2.22 9.87 -7.33
C TYR A 162 -0.98 10.74 -7.16
N THR A 163 0.24 10.19 -7.37
CA THR A 163 1.49 10.95 -7.24
C THR A 163 1.92 11.61 -8.60
N PHE A 164 0.94 11.80 -9.53
CA PHE A 164 1.19 12.46 -10.81
C PHE A 164 1.39 13.98 -10.65
N THR A 168 -2.47 20.71 -14.86
CA THR A 168 -3.50 21.18 -15.78
C THR A 168 -4.65 20.16 -15.96
N LEU A 169 -5.71 20.60 -16.68
CA LEU A 169 -6.91 19.79 -16.96
C LEU A 169 -6.60 18.59 -17.88
N LYS A 170 -5.57 18.73 -18.76
CA LYS A 170 -5.10 17.69 -19.70
C LYS A 170 -4.57 16.48 -18.93
N SER A 171 -3.80 16.74 -17.85
CA SER A 171 -3.22 15.73 -16.96
C SER A 171 -4.32 14.99 -16.18
N LEU A 172 -5.49 15.65 -15.97
CA LEU A 172 -6.64 15.08 -15.25
C LEU A 172 -7.36 14.00 -16.07
N GLU A 173 -7.40 14.16 -17.41
CA GLU A 173 -7.99 13.20 -18.35
C GLU A 173 -7.23 11.86 -18.33
N GLU A 174 -5.90 11.93 -18.07
CA GLU A 174 -5.01 10.77 -17.97
C GLU A 174 -5.41 9.90 -16.77
N LYS A 175 -5.63 10.55 -15.60
CA LYS A 175 -6.07 9.92 -14.36
C LYS A 175 -7.46 9.25 -14.55
N ASP A 176 -8.42 9.96 -15.21
CA ASP A 176 -9.77 9.46 -15.51
C ASP A 176 -9.73 8.20 -16.37
N HIS A 177 -8.85 8.18 -17.39
CA HIS A 177 -8.64 7.03 -18.27
C HIS A 177 -8.10 5.83 -17.48
N ILE A 178 -7.10 6.05 -16.59
CA ILE A 178 -6.53 5.04 -15.69
C ILE A 178 -7.63 4.46 -14.82
N HIS A 179 -8.50 5.30 -14.27
CA HIS A 179 -9.59 4.82 -13.42
C HIS A 179 -10.60 3.94 -14.20
N ARG A 180 -10.87 4.28 -15.44
CA ARG A 180 -11.78 3.54 -16.32
C ARG A 180 -11.21 2.16 -16.62
N VAL A 181 -9.91 2.10 -16.94
CA VAL A 181 -9.21 0.83 -17.19
C VAL A 181 -9.19 -0.02 -15.92
N LEU A 182 -8.90 0.60 -14.75
CA LEU A 182 -8.94 -0.12 -13.49
C LEU A 182 -10.33 -0.72 -13.23
N ASP A 183 -11.43 0.04 -13.54
CA ASP A 183 -12.81 -0.45 -13.41
C ASP A 183 -12.99 -1.69 -14.32
N LYS A 184 -12.42 -1.65 -15.53
CA LYS A 184 -12.46 -2.79 -16.46
C LYS A 184 -11.74 -4.03 -15.90
N ILE A 185 -10.59 -3.82 -15.21
CA ILE A 185 -9.85 -4.96 -14.63
C ILE A 185 -10.67 -5.58 -13.48
N THR A 186 -11.39 -4.75 -12.68
CA THR A 186 -12.27 -5.21 -11.60
C THR A 186 -13.40 -6.07 -12.18
N ASP A 187 -14.03 -5.58 -13.27
CA ASP A 187 -15.09 -6.30 -13.98
C ASP A 187 -14.55 -7.66 -14.43
N THR A 188 -13.29 -7.69 -14.88
CA THR A 188 -12.61 -8.91 -15.32
C THR A 188 -12.43 -9.90 -14.16
N LEU A 189 -11.96 -9.41 -12.99
CA LEU A 189 -11.73 -10.23 -11.80
C LEU A 189 -13.03 -10.86 -11.34
N ILE A 190 -14.10 -10.05 -11.25
CA ILE A 190 -15.42 -10.56 -10.86
C ILE A 190 -15.94 -11.63 -11.86
N HIS A 191 -15.74 -11.39 -13.18
CA HIS A 191 -16.13 -12.31 -14.26
C HIS A 191 -15.47 -13.69 -14.05
N LEU A 192 -14.16 -13.69 -13.71
CA LEU A 192 -13.36 -14.88 -13.46
C LEU A 192 -13.88 -15.69 -12.27
N MET A 193 -14.23 -14.99 -11.19
CA MET A 193 -14.78 -15.56 -9.98
C MET A 193 -16.17 -16.10 -10.19
N ALA A 194 -17.00 -15.36 -10.97
CA ALA A 194 -18.37 -15.81 -11.29
C ALA A 194 -18.32 -17.06 -12.17
N LYS A 195 -17.35 -17.12 -13.12
CA LYS A 195 -17.14 -18.25 -14.03
C LYS A 195 -16.71 -19.45 -13.21
N ALA A 196 -15.98 -19.20 -12.10
CA ALA A 196 -15.49 -20.23 -11.17
C ALA A 196 -16.58 -20.79 -10.23
N GLY A 197 -17.79 -20.26 -10.34
CA GLY A 197 -18.94 -20.71 -9.56
C GLY A 197 -19.04 -20.12 -8.17
N LEU A 198 -18.32 -19.02 -7.88
CA LEU A 198 -18.44 -18.43 -6.55
C LEU A 198 -19.78 -17.72 -6.47
N THR A 199 -20.41 -17.72 -5.26
CA THR A 199 -21.66 -16.98 -5.01
C THR A 199 -21.28 -15.51 -5.02
N LEU A 200 -22.24 -14.58 -5.15
CA LEU A 200 -21.94 -13.14 -5.13
C LEU A 200 -21.21 -12.68 -3.87
N GLN A 201 -21.61 -13.22 -2.70
CA GLN A 201 -20.93 -12.87 -1.45
C GLN A 201 -19.46 -13.32 -1.50
N GLN A 202 -19.20 -14.55 -2.02
CA GLN A 202 -17.84 -15.08 -2.18
C GLN A 202 -17.00 -14.28 -3.14
N GLN A 203 -17.62 -13.77 -4.23
CA GLN A 203 -16.96 -12.97 -5.25
C GLN A 203 -16.42 -11.67 -4.67
N HIS A 204 -17.29 -10.90 -3.96
CA HIS A 204 -16.96 -9.63 -3.32
CA HIS A 204 -16.86 -9.62 -3.41
C HIS A 204 -15.92 -9.84 -2.23
N GLN A 205 -16.05 -10.94 -1.46
CA GLN A 205 -15.10 -11.23 -0.37
C GLN A 205 -13.71 -11.57 -0.96
N ARG A 206 -13.68 -12.33 -2.07
CA ARG A 206 -12.41 -12.69 -2.73
C ARG A 206 -11.80 -11.47 -3.39
N LEU A 207 -12.62 -10.63 -4.07
CA LEU A 207 -12.16 -9.39 -4.69
C LEU A 207 -11.45 -8.55 -3.62
N ALA A 208 -12.12 -8.34 -2.47
CA ALA A 208 -11.57 -7.59 -1.36
C ALA A 208 -10.28 -8.19 -0.80
N GLN A 209 -10.23 -9.52 -0.56
CA GLN A 209 -9.01 -10.19 -0.04
C GLN A 209 -7.83 -9.93 -0.98
N LEU A 210 -8.05 -10.03 -2.31
CA LEU A 210 -7.00 -9.80 -3.32
C LEU A 210 -6.53 -8.34 -3.33
N LEU A 211 -7.45 -7.39 -3.25
CA LEU A 211 -7.02 -5.99 -3.26
C LEU A 211 -6.33 -5.60 -1.95
N LEU A 212 -6.66 -6.25 -0.83
CA LEU A 212 -5.98 -5.93 0.44
C LEU A 212 -4.55 -6.41 0.43
N ILE A 213 -4.31 -7.52 -0.25
CA ILE A 213 -2.97 -8.08 -0.48
C ILE A 213 -2.08 -7.07 -1.21
N LEU A 214 -2.68 -6.28 -2.12
CA LEU A 214 -1.99 -5.19 -2.83
C LEU A 214 -1.39 -4.15 -1.89
N SER A 215 -2.07 -3.84 -0.76
N SER A 215 -2.07 -3.84 -0.75
CA SER A 215 -1.57 -2.92 0.25
CA SER A 215 -1.52 -2.91 0.24
C SER A 215 -0.30 -3.51 0.88
C SER A 215 -0.27 -3.51 0.89
N HIS A 216 -0.26 -4.86 1.07
CA HIS A 216 0.89 -5.57 1.64
C HIS A 216 2.05 -5.54 0.65
N ILE A 217 1.75 -5.65 -0.62
CA ILE A 217 2.77 -5.64 -1.67
C ILE A 217 3.33 -4.21 -1.74
N ARG A 218 2.49 -3.18 -1.57
CA ARG A 218 3.02 -1.81 -1.55
C ARG A 218 4.00 -1.66 -0.37
N HIS A 219 3.59 -2.15 0.81
CA HIS A 219 4.39 -2.06 2.02
C HIS A 219 5.77 -2.71 1.83
N MET A 220 5.77 -3.92 1.28
CA MET A 220 6.99 -4.68 1.01
C MET A 220 7.93 -3.93 0.06
N SER A 221 7.35 -3.37 -1.01
CA SER A 221 8.11 -2.59 -1.99
C SER A 221 8.72 -1.35 -1.31
N ASN A 222 7.93 -0.60 -0.53
CA ASN A 222 8.46 0.57 0.17
C ASN A 222 9.56 0.24 1.16
N LYS A 223 9.40 -0.84 1.95
CA LYS A 223 10.40 -1.31 2.90
C LYS A 223 11.65 -1.83 2.19
N GLY A 224 11.45 -2.55 1.10
CA GLY A 224 12.55 -3.05 0.30
C GLY A 224 13.32 -1.94 -0.39
N MET A 225 12.60 -0.98 -0.98
CA MET A 225 13.17 0.16 -1.71
C MET A 225 14.06 0.94 -0.77
N GLU A 226 13.60 1.19 0.48
CA GLU A 226 14.36 1.93 1.49
C GLU A 226 15.73 1.27 1.77
N HIS A 227 15.79 -0.08 1.77
CA HIS A 227 17.06 -0.74 1.96
C HIS A 227 17.89 -0.67 0.66
N LEU A 228 17.26 -0.79 -0.51
CA LEU A 228 17.98 -0.77 -1.79
C LEU A 228 18.64 0.56 -2.09
N TYR A 229 17.99 1.69 -1.74
CA TYR A 229 18.65 2.97 -2.02
C TYR A 229 19.52 3.48 -0.87
N SER A 230 19.73 2.68 0.19
CA SER A 230 20.67 3.05 1.26
C SER A 230 22.10 2.91 0.70
N MET A 231 23.07 3.72 1.20
CA MET A 231 24.46 3.69 0.69
C MET A 231 25.09 2.28 0.71
N LYS A 232 24.84 1.51 1.79
CA LYS A 232 25.31 0.13 1.97
C LYS A 232 24.93 -0.76 0.77
N CYS A 233 23.63 -0.77 0.39
CA CYS A 233 23.12 -1.56 -0.72
C CYS A 233 23.47 -1.01 -2.09
N LYS A 234 23.69 0.30 -2.18
CA LYS A 234 24.05 0.92 -3.46
C LYS A 234 25.51 0.62 -3.85
N ASN A 235 26.40 0.51 -2.84
CA ASN A 235 27.83 0.26 -3.01
C ASN A 235 28.27 -1.20 -2.69
N VAL A 236 27.33 -2.09 -2.30
CA VAL A 236 27.65 -3.49 -1.97
C VAL A 236 28.15 -4.24 -3.23
N VAL A 237 27.48 -4.03 -4.37
CA VAL A 237 27.82 -4.61 -5.67
C VAL A 237 27.62 -3.55 -6.75
N PRO A 238 28.41 -3.55 -7.87
CA PRO A 238 28.20 -2.54 -8.91
C PRO A 238 26.82 -2.66 -9.55
N LEU A 239 25.96 -1.66 -9.29
CA LEU A 239 24.60 -1.62 -9.82
C LEU A 239 24.58 -1.11 -11.25
N SER A 240 23.64 -1.64 -12.04
CA SER A 240 23.40 -1.29 -13.43
C SER A 240 22.70 0.06 -13.53
N ASP A 241 22.87 0.74 -14.68
CA ASP A 241 22.36 2.08 -14.96
C ASP A 241 20.83 2.23 -14.90
N LEU A 242 20.06 1.36 -15.57
CA LEU A 242 18.59 1.45 -15.56
C LEU A 242 18.04 1.26 -14.14
N LEU A 243 18.57 0.25 -13.42
CA LEU A 243 18.20 -0.04 -12.05
C LEU A 243 18.52 1.11 -11.10
N LEU A 244 19.66 1.79 -11.31
CA LEU A 244 20.08 2.97 -10.54
C LEU A 244 19.06 4.10 -10.73
N GLU A 245 18.64 4.36 -11.98
CA GLU A 245 17.65 5.38 -12.32
C GLU A 245 16.28 5.05 -11.73
N MET A 246 15.86 3.77 -11.78
CA MET A 246 14.60 3.30 -11.20
C MET A 246 14.61 3.48 -9.68
N LEU A 247 15.77 3.19 -9.06
CA LEU A 247 15.95 3.37 -7.61
C LEU A 247 15.96 4.83 -7.21
N ASP A 248 16.60 5.67 -8.07
CA ASP A 248 16.72 7.10 -7.81
C ASP A 248 15.39 7.82 -7.87
N ALA A 249 14.45 7.31 -8.71
CA ALA A 249 13.10 7.85 -8.81
C ALA A 249 12.46 7.84 -7.41
N HIS A 250 12.90 6.90 -6.54
CA HIS A 250 12.44 6.78 -5.16
C HIS A 250 13.39 7.48 -4.20
N ARG A 251 14.73 7.28 -4.33
CA ARG A 251 15.74 7.92 -3.46
C ARG A 251 15.55 9.42 -3.40
N LEU A 252 15.11 10.03 -4.53
CA LEU A 252 14.87 11.47 -4.69
C LEU A 252 13.96 12.07 -3.60
N HIS A 253 12.94 11.33 -3.14
CA HIS A 253 11.97 11.80 -2.11
C HIS A 253 12.36 11.44 -0.67
N ALA A 254 13.29 10.48 -0.50
CA ALA A 254 13.77 9.98 0.78
C ALA A 254 14.51 11.04 1.61
N PRO A 255 14.57 10.90 2.96
CA PRO A 255 15.32 11.88 3.77
C PRO A 255 16.81 11.90 3.41
N THR A 256 17.46 13.05 3.59
CA THR A 256 18.88 13.24 3.29
C THR A 256 19.75 12.66 4.40
N LYS B 6 -12.01 -19.71 21.54
CA LYS B 6 -13.36 -19.18 21.75
C LYS B 6 -13.83 -18.32 20.55
N ASN B 7 -15.15 -18.27 20.31
CA ASN B 7 -15.75 -17.52 19.21
C ASN B 7 -15.88 -16.03 19.49
N SER B 8 -15.62 -15.21 18.46
CA SER B 8 -15.67 -13.75 18.48
C SER B 8 -17.07 -13.21 18.21
N LEU B 9 -17.55 -12.25 19.03
CA LEU B 9 -18.88 -11.63 18.86
C LEU B 9 -19.04 -10.93 17.51
N ALA B 10 -17.95 -10.33 17.00
CA ALA B 10 -17.87 -9.59 15.74
C ALA B 10 -18.56 -10.28 14.59
N LEU B 11 -18.35 -11.61 14.44
CA LEU B 11 -18.94 -12.41 13.38
C LEU B 11 -20.45 -12.59 13.54
N SER B 12 -20.95 -12.58 14.79
CA SER B 12 -22.39 -12.72 15.07
C SER B 12 -23.15 -11.42 14.81
N LEU B 13 -22.42 -10.29 14.70
CA LEU B 13 -22.98 -8.98 14.44
C LEU B 13 -23.59 -8.94 13.05
N THR B 14 -24.68 -8.21 12.91
CA THR B 14 -25.33 -8.02 11.61
C THR B 14 -24.63 -6.82 10.96
N ALA B 15 -24.84 -6.61 9.66
CA ALA B 15 -24.27 -5.48 8.93
C ALA B 15 -24.58 -4.13 9.60
N ASP B 16 -25.86 -3.89 9.97
CA ASP B 16 -26.32 -2.66 10.66
C ASP B 16 -25.70 -2.53 12.03
N GLN B 17 -25.60 -3.64 12.80
CA GLN B 17 -24.93 -3.67 14.12
C GLN B 17 -23.42 -3.38 13.99
N MET B 18 -22.79 -3.79 12.87
CA MET B 18 -21.38 -3.53 12.59
C MET B 18 -21.19 -2.03 12.31
N VAL B 19 -21.97 -1.45 11.39
CA VAL B 19 -21.94 -0.02 11.05
C VAL B 19 -22.16 0.85 12.31
N SER B 20 -23.22 0.54 13.09
CA SER B 20 -23.52 1.27 14.32
C SER B 20 -22.40 1.13 15.35
N ALA B 21 -21.79 -0.07 15.50
CA ALA B 21 -20.70 -0.24 16.46
C ALA B 21 -19.47 0.62 16.08
N LEU B 22 -19.26 0.82 14.77
CA LEU B 22 -18.14 1.58 14.18
C LEU B 22 -18.39 3.08 14.27
N LEU B 23 -19.61 3.53 13.92
CA LEU B 23 -20.00 4.93 14.06
C LEU B 23 -19.96 5.36 15.53
N ASP B 24 -20.42 4.49 16.47
CA ASP B 24 -20.39 4.84 17.91
C ASP B 24 -18.96 4.92 18.48
N ALA B 25 -18.03 4.13 17.93
CA ALA B 25 -16.62 4.08 18.33
C ALA B 25 -15.80 5.27 17.83
N GLU B 26 -16.33 6.06 16.87
CA GLU B 26 -15.60 7.20 16.28
C GLU B 26 -14.94 8.07 17.34
N PRO B 27 -13.64 8.35 17.23
CA PRO B 27 -13.03 9.29 18.19
C PRO B 27 -13.47 10.71 17.82
N PRO B 28 -13.37 11.70 18.73
CA PRO B 28 -13.76 13.07 18.36
C PRO B 28 -12.74 13.79 17.48
N ILE B 29 -13.11 14.95 16.89
CA ILE B 29 -12.14 15.73 16.13
C ILE B 29 -11.47 16.65 17.14
N LEU B 30 -10.17 16.49 17.32
CA LEU B 30 -9.45 17.29 18.29
C LEU B 30 -9.06 18.62 17.72
N TYR B 31 -8.81 19.58 18.61
CA TYR B 31 -8.35 20.91 18.25
C TYR B 31 -6.85 20.99 18.44
N SER B 32 -6.22 21.87 17.65
CA SER B 32 -4.82 22.16 17.83
C SER B 32 -4.74 23.13 18.98
N GLU B 33 -3.54 23.34 19.49
CA GLU B 33 -3.33 24.33 20.54
C GLU B 33 -3.53 25.68 19.86
N TYR B 34 -4.28 26.57 20.50
CA TYR B 34 -4.56 27.89 19.94
C TYR B 34 -3.32 28.79 19.99
N ASP B 35 -2.37 28.47 20.92
CA ASP B 35 -1.11 29.18 21.21
C ASP B 35 -0.39 29.64 19.91
N PRO B 36 0.23 28.76 19.08
CA PRO B 36 0.86 29.25 17.84
C PRO B 36 -0.14 29.24 16.67
N THR B 37 -0.31 30.39 16.01
CA THR B 37 -1.23 30.54 14.87
C THR B 37 -0.47 30.70 13.54
N ARG B 38 -0.98 30.04 12.47
CA ARG B 38 -0.45 30.04 11.10
C ARG B 38 1.06 29.67 11.07
N PRO B 39 1.39 28.37 11.30
CA PRO B 39 2.81 27.97 11.34
C PRO B 39 3.56 28.21 10.06
N PHE B 40 4.81 28.69 10.18
CA PHE B 40 5.67 29.01 9.03
C PHE B 40 7.15 28.72 9.29
N SER B 41 7.41 27.77 10.17
CA SER B 41 8.77 27.35 10.46
C SER B 41 8.75 25.86 10.66
N GLU B 42 9.93 25.23 10.55
CA GLU B 42 10.08 23.78 10.75
C GLU B 42 9.61 23.40 12.16
N ALA B 43 10.06 24.17 13.19
CA ALA B 43 9.72 23.94 14.60
C ALA B 43 8.23 24.14 14.95
N SER B 44 7.59 25.20 14.41
CA SER B 44 6.20 25.45 14.74
C SER B 44 5.29 24.41 14.11
N MET B 45 5.55 24.07 12.83
CA MET B 45 4.81 23.06 12.11
C MET B 45 4.94 21.69 12.81
N MET B 46 6.19 21.26 13.13
CA MET B 46 6.39 19.96 13.79
C MET B 46 5.85 19.96 15.21
N GLY B 47 5.92 21.11 15.88
CA GLY B 47 5.39 21.30 17.23
C GLY B 47 3.91 21.03 17.29
N LEU B 48 3.14 21.68 16.40
CA LEU B 48 1.68 21.51 16.32
C LEU B 48 1.25 20.12 15.90
N LEU B 49 1.88 19.58 14.86
CA LEU B 49 1.49 18.25 14.37
C LEU B 49 1.81 17.12 15.34
N THR B 50 2.96 17.19 16.01
CA THR B 50 3.33 16.15 16.97
C THR B 50 2.43 16.21 18.20
N ASN B 51 2.12 17.42 18.68
CA ASN B 51 1.23 17.60 19.85
C ASN B 51 -0.15 17.00 19.53
N LEU B 52 -0.67 17.34 18.35
CA LEU B 52 -1.96 16.84 17.89
C LEU B 52 -1.95 15.31 17.72
N ALA B 53 -0.94 14.75 17.02
CA ALA B 53 -0.83 13.30 16.82
C ALA B 53 -0.75 12.54 18.15
N ASP B 54 0.02 13.05 19.11
CA ASP B 54 0.12 12.44 20.44
C ASP B 54 -1.24 12.34 21.13
N ARG B 55 -2.06 13.40 21.08
CA ARG B 55 -3.41 13.40 21.69
C ARG B 55 -4.38 12.47 20.94
N GLU B 56 -4.31 12.47 19.61
CA GLU B 56 -5.14 11.57 18.79
C GLU B 56 -4.79 10.10 19.00
N LEU B 57 -3.50 9.78 19.29
CA LEU B 57 -3.08 8.39 19.54
C LEU B 57 -3.82 7.77 20.72
N VAL B 58 -4.01 8.53 21.81
CA VAL B 58 -4.71 8.05 22.99
C VAL B 58 -6.16 7.68 22.62
N HIS B 59 -6.81 8.52 21.85
CA HIS B 59 -8.17 8.30 21.34
C HIS B 59 -8.20 7.09 20.37
N MET B 60 -7.15 6.93 19.55
CA MET B 60 -7.07 5.81 18.59
C MET B 60 -7.02 4.44 19.31
N ILE B 61 -6.23 4.36 20.39
CA ILE B 61 -6.07 3.12 21.17
C ILE B 61 -7.42 2.69 21.73
N ASN B 62 -8.15 3.65 22.33
CA ASN B 62 -9.47 3.40 22.89
C ASN B 62 -10.49 3.10 21.79
N TRP B 63 -10.34 3.72 20.59
CA TRP B 63 -11.16 3.44 19.40
C TRP B 63 -10.91 1.95 18.95
N ALA B 64 -9.63 1.55 18.78
CA ALA B 64 -9.28 0.18 18.35
C ALA B 64 -9.91 -0.89 19.25
N LYS B 65 -9.89 -0.67 20.58
CA LYS B 65 -10.51 -1.60 21.54
C LYS B 65 -12.00 -1.80 21.25
N ARG B 66 -12.65 -0.79 20.63
CA ARG B 66 -14.08 -0.82 20.30
C ARG B 66 -14.39 -1.32 18.87
N VAL B 67 -13.35 -1.72 18.09
CA VAL B 67 -13.50 -2.25 16.72
C VAL B 67 -13.84 -3.74 16.88
N PRO B 68 -15.03 -4.21 16.43
CA PRO B 68 -15.37 -5.62 16.62
C PRO B 68 -14.29 -6.57 16.12
N GLY B 69 -13.94 -7.54 16.95
CA GLY B 69 -12.89 -8.49 16.61
C GLY B 69 -11.53 -8.16 17.20
N PHE B 70 -11.23 -6.84 17.36
CA PHE B 70 -9.94 -6.37 17.89
C PHE B 70 -9.68 -6.86 19.30
N VAL B 71 -10.63 -6.73 20.22
CA VAL B 71 -10.51 -7.21 21.61
C VAL B 71 -10.26 -8.75 21.70
N ASP B 72 -10.63 -9.50 20.65
CA ASP B 72 -10.51 -10.95 20.66
C ASP B 72 -9.09 -11.42 20.39
N LEU B 73 -8.24 -10.51 19.91
CA LEU B 73 -6.85 -10.77 19.64
C LEU B 73 -6.06 -10.73 20.94
N THR B 74 -4.88 -11.37 20.96
CA THR B 74 -3.98 -11.32 22.10
C THR B 74 -3.48 -9.89 22.23
N LEU B 75 -3.05 -9.52 23.42
CA LEU B 75 -2.48 -8.20 23.65
C LEU B 75 -1.32 -7.96 22.70
N HIS B 76 -0.45 -8.96 22.49
CA HIS B 76 0.68 -8.86 21.58
C HIS B 76 0.27 -8.51 20.14
N ASP B 77 -0.79 -9.16 19.62
CA ASP B 77 -1.32 -8.89 18.27
C ASP B 77 -1.94 -7.51 18.20
N GLN B 78 -2.62 -7.07 19.29
CA GLN B 78 -3.23 -5.74 19.33
C GLN B 78 -2.13 -4.68 19.23
N VAL B 79 -1.02 -4.88 19.96
CA VAL B 79 0.13 -3.95 19.94
C VAL B 79 0.70 -3.86 18.50
N HIS B 80 0.90 -5.03 17.87
CA HIS B 80 1.43 -5.14 16.51
C HIS B 80 0.57 -4.37 15.51
N LEU B 81 -0.76 -4.60 15.51
CA LEU B 81 -1.64 -3.91 14.56
C LEU B 81 -1.60 -2.41 14.73
N LEU B 82 -1.67 -1.92 15.98
CA LEU B 82 -1.61 -0.47 16.19
C LEU B 82 -0.26 0.13 15.81
N GLU B 83 0.84 -0.59 16.10
CA GLU B 83 2.18 -0.16 15.73
C GLU B 83 2.28 -0.04 14.24
N CYS B 84 1.72 -1.01 13.49
CA CYS B 84 1.79 -0.96 12.03
C CYS B 84 0.92 0.11 11.35
N ALA B 85 -0.30 0.32 11.86
CA ALA B 85 -1.31 1.15 11.24
C ALA B 85 -1.48 2.59 11.73
N TRP B 86 -0.82 3.00 12.81
CA TRP B 86 -1.17 4.29 13.43
C TRP B 86 -1.09 5.48 12.49
N LEU B 87 -0.03 5.57 11.66
CA LEU B 87 0.06 6.76 10.77
C LEU B 87 -0.97 6.64 9.64
N GLU B 88 -1.24 5.43 9.15
CA GLU B 88 -2.27 5.23 8.12
C GLU B 88 -3.64 5.69 8.66
N ILE B 89 -3.91 5.38 9.94
CA ILE B 89 -5.16 5.74 10.61
CA ILE B 89 -5.17 5.74 10.60
C ILE B 89 -5.27 7.27 10.78
N LEU B 90 -4.19 7.91 11.21
CA LEU B 90 -4.19 9.36 11.38
C LEU B 90 -4.42 10.01 9.99
N MET B 91 -3.78 9.47 8.95
CA MET B 91 -3.86 9.98 7.58
C MET B 91 -5.24 9.80 6.97
N ILE B 92 -5.87 8.62 7.12
CA ILE B 92 -7.24 8.47 6.55
C ILE B 92 -8.20 9.43 7.30
N GLY B 93 -7.98 9.60 8.60
CA GLY B 93 -8.79 10.54 9.39
C GLY B 93 -8.68 11.95 8.84
N LEU B 94 -7.44 12.38 8.58
CA LEU B 94 -7.11 13.70 8.04
C LEU B 94 -7.75 13.93 6.68
N VAL B 95 -7.57 12.97 5.77
CA VAL B 95 -8.12 13.03 4.43
C VAL B 95 -9.65 13.13 4.48
N TRP B 96 -10.32 12.33 5.34
CA TRP B 96 -11.79 12.38 5.53
C TRP B 96 -12.25 13.79 5.92
N ARG B 97 -11.67 14.33 6.99
CA ARG B 97 -12.12 15.61 7.49
C ARG B 97 -11.68 16.78 6.60
N SER B 98 -10.76 16.55 5.63
CA SER B 98 -10.32 17.57 4.66
C SER B 98 -11.18 17.60 3.40
N MET B 99 -12.07 16.62 3.23
CA MET B 99 -12.92 16.49 2.02
C MET B 99 -13.65 17.76 1.62
N GLU B 100 -14.39 18.37 2.54
CA GLU B 100 -15.15 19.60 2.31
C GLU B 100 -14.24 20.85 2.22
N HIS B 101 -12.89 20.66 2.19
CA HIS B 101 -11.94 21.77 2.09
C HIS B 101 -10.96 21.55 0.93
N PRO B 102 -11.43 21.60 -0.36
CA PRO B 102 -10.51 21.37 -1.49
C PRO B 102 -9.22 22.21 -1.47
N GLY B 103 -8.09 21.57 -1.72
CA GLY B 103 -6.79 22.22 -1.73
C GLY B 103 -6.22 22.53 -0.37
N LYS B 104 -6.88 22.05 0.71
CA LYS B 104 -6.48 22.32 2.09
C LYS B 104 -6.54 21.05 2.92
N LEU B 105 -5.70 20.96 3.95
CA LEU B 105 -5.72 19.85 4.88
C LEU B 105 -6.21 20.32 6.24
N LEU B 106 -7.39 19.84 6.65
CA LEU B 106 -7.98 20.23 7.93
C LEU B 106 -7.40 19.34 9.01
N PHE B 107 -6.22 19.73 9.53
CA PHE B 107 -5.57 18.94 10.60
C PHE B 107 -6.41 18.99 11.88
N ALA B 108 -7.04 20.14 12.11
CA ALA B 108 -7.94 20.44 13.21
C ALA B 108 -8.87 21.58 12.74
N PRO B 109 -10.07 21.78 13.33
CA PRO B 109 -10.95 22.87 12.87
C PRO B 109 -10.28 24.24 12.93
N ASN B 110 -9.28 24.41 13.83
CA ASN B 110 -8.49 25.63 14.02
C ASN B 110 -7.07 25.51 13.42
N LEU B 111 -6.83 24.49 12.57
CA LEU B 111 -5.56 24.28 11.89
C LEU B 111 -5.80 23.73 10.46
N LEU B 112 -6.14 24.63 9.54
CA LEU B 112 -6.39 24.35 8.14
C LEU B 112 -5.10 24.76 7.39
N LEU B 113 -4.39 23.78 6.83
CA LEU B 113 -3.10 24.06 6.19
C LEU B 113 -3.11 23.85 4.68
N ASP B 114 -2.40 24.71 3.94
CA ASP B 114 -2.29 24.49 2.49
C ASP B 114 -0.91 23.89 2.19
N ARG B 115 -0.68 23.50 0.93
CA ARG B 115 0.57 22.88 0.52
C ARG B 115 1.82 23.76 0.79
N ASN B 116 1.68 25.11 0.71
CA ASN B 116 2.77 26.06 0.98
C ASN B 116 3.31 25.95 2.41
N GLN B 117 2.46 25.49 3.34
CA GLN B 117 2.89 25.29 4.72
C GLN B 117 3.69 23.99 4.85
N GLY B 118 3.40 23.03 3.98
CA GLY B 118 4.14 21.76 3.95
C GLY B 118 5.59 21.96 3.60
N LYS B 119 5.90 23.07 2.88
CA LYS B 119 7.24 23.44 2.45
C LYS B 119 8.16 23.81 3.61
N CYS B 120 7.58 24.26 4.77
CA CYS B 120 8.31 24.63 5.99
C CYS B 120 9.12 23.47 6.59
N VAL B 121 8.70 22.22 6.32
CA VAL B 121 9.40 21.04 6.81
C VAL B 121 9.92 20.27 5.57
N GLU B 122 11.22 19.97 5.55
CA GLU B 122 11.86 19.25 4.44
C GLU B 122 11.29 17.85 4.33
N GLY B 123 10.84 17.51 3.12
CA GLY B 123 10.25 16.23 2.79
C GLY B 123 8.75 16.15 2.97
N MET B 124 8.12 17.20 3.55
CA MET B 124 6.70 17.19 3.88
C MET B 124 5.71 17.54 2.74
N VAL B 125 6.05 18.50 1.88
CA VAL B 125 5.15 18.93 0.82
C VAL B 125 4.72 17.77 -0.11
N GLU B 126 5.62 16.83 -0.39
CA GLU B 126 5.33 15.70 -1.26
C GLU B 126 4.22 14.85 -0.65
N ILE B 127 4.28 14.64 0.68
CA ILE B 127 3.29 13.88 1.45
C ILE B 127 2.00 14.70 1.49
N PHE B 128 2.11 16.04 1.73
CA PHE B 128 0.95 16.93 1.74
C PHE B 128 0.19 16.83 0.39
N ASP B 129 0.93 16.78 -0.74
CA ASP B 129 0.36 16.70 -2.09
C ASP B 129 -0.41 15.39 -2.28
N MET B 130 0.17 14.31 -1.80
CA MET B 130 -0.42 12.97 -1.86
C MET B 130 -1.70 12.96 -1.01
N LEU B 131 -1.65 13.57 0.19
CA LEU B 131 -2.82 13.65 1.07
C LEU B 131 -3.94 14.44 0.39
N LEU B 132 -3.63 15.61 -0.20
CA LEU B 132 -4.60 16.45 -0.90
C LEU B 132 -5.26 15.68 -2.05
N ALA B 133 -4.47 14.92 -2.83
CA ALA B 133 -5.03 14.13 -3.95
C ALA B 133 -5.93 13.01 -3.45
N THR B 134 -5.63 12.44 -2.24
CA THR B 134 -6.47 11.37 -1.66
C THR B 134 -7.79 11.99 -1.16
N SER B 135 -7.70 13.16 -0.55
CA SER B 135 -8.90 13.87 -0.07
C SER B 135 -9.78 14.20 -1.28
N SER B 136 -9.16 14.72 -2.32
CA SER B 136 -9.82 15.04 -3.57
C SER B 136 -10.51 13.80 -4.20
N ARG B 137 -9.82 12.64 -4.23
CA ARG B 137 -10.40 11.40 -4.74
C ARG B 137 -11.62 10.98 -3.92
N PHE B 138 -11.51 11.02 -2.57
CA PHE B 138 -12.63 10.68 -1.70
C PHE B 138 -13.80 11.65 -1.95
N ARG B 139 -13.50 12.92 -2.16
CA ARG B 139 -14.54 13.91 -2.42
C ARG B 139 -15.29 13.57 -3.72
N MET B 140 -14.57 13.35 -4.81
CA MET B 140 -15.18 13.00 -6.10
C MET B 140 -15.97 11.69 -6.08
N MET B 141 -15.59 10.74 -5.22
CA MET B 141 -16.31 9.48 -5.08
C MET B 141 -17.52 9.63 -4.13
N ASN B 142 -17.67 10.80 -3.46
CA ASN B 142 -18.73 11.06 -2.48
C ASN B 142 -18.63 9.99 -1.38
N LEU B 143 -17.45 9.81 -0.84
CA LEU B 143 -17.27 8.83 0.23
C LEU B 143 -18.21 9.16 1.38
N GLN B 144 -18.94 8.16 1.86
CA GLN B 144 -19.89 8.32 2.96
C GLN B 144 -19.22 7.98 4.28
N GLY B 145 -19.73 8.58 5.37
CA GLY B 145 -19.25 8.32 6.73
C GLY B 145 -19.19 6.86 7.10
N GLU B 146 -20.25 6.10 6.74
CA GLU B 146 -20.40 4.67 7.02
C GLU B 146 -19.35 3.87 6.30
N GLU B 147 -18.95 4.31 5.09
CA GLU B 147 -17.89 3.65 4.31
C GLU B 147 -16.55 3.97 4.92
N PHE B 148 -16.32 5.23 5.32
CA PHE B 148 -15.11 5.69 5.97
C PHE B 148 -14.74 4.82 7.21
N VAL B 149 -15.69 4.59 8.14
CA VAL B 149 -15.45 3.83 9.38
C VAL B 149 -15.10 2.35 9.06
N CYS B 150 -15.70 1.81 7.99
CA CYS B 150 -15.37 0.47 7.50
C CYS B 150 -13.92 0.47 6.98
N LEU B 151 -13.53 1.48 6.15
CA LEU B 151 -12.16 1.54 5.61
C LEU B 151 -11.14 1.70 6.68
N LYS B 152 -11.46 2.50 7.70
CA LYS B 152 -10.55 2.74 8.79
C LYS B 152 -10.35 1.43 9.61
N SER B 153 -11.41 0.66 9.81
CA SER B 153 -11.32 -0.60 10.55
C SER B 153 -10.51 -1.60 9.71
N ILE B 154 -10.68 -1.58 8.37
CA ILE B 154 -9.89 -2.47 7.49
C ILE B 154 -8.40 -2.12 7.62
N ILE B 155 -8.05 -0.81 7.63
CA ILE B 155 -6.65 -0.41 7.77
C ILE B 155 -6.05 -1.05 9.04
N LEU B 156 -6.77 -0.98 10.16
CA LEU B 156 -6.29 -1.49 11.44
C LEU B 156 -6.01 -2.99 11.39
N LEU B 157 -6.98 -3.75 10.92
CA LEU B 157 -6.87 -5.21 10.88
C LEU B 157 -5.93 -5.72 9.78
N ASN B 158 -5.86 -4.99 8.66
CA ASN B 158 -4.99 -5.37 7.54
C ASN B 158 -3.53 -4.85 7.65
N SER B 159 -3.24 -3.96 8.60
CA SER B 159 -1.89 -3.36 8.74
C SER B 159 -0.73 -4.36 8.77
N GLY B 160 -0.87 -5.41 9.54
CA GLY B 160 0.18 -6.41 9.63
C GLY B 160 0.28 -7.27 8.38
N VAL B 161 1.45 -7.28 7.71
CA VAL B 161 1.67 -8.22 6.59
C VAL B 161 1.81 -9.56 7.37
N TYR B 162 1.19 -10.65 6.89
CA TYR B 162 1.13 -11.96 7.56
C TYR B 162 2.46 -12.50 8.13
N LYS B 175 -4.00 -16.29 11.71
CA LYS B 175 -4.47 -15.25 10.79
C LYS B 175 -5.96 -15.41 10.47
N ASP B 176 -6.53 -16.59 10.76
CA ASP B 176 -7.92 -16.97 10.52
C ASP B 176 -8.94 -15.93 11.04
N HIS B 177 -8.87 -15.55 12.32
CA HIS B 177 -9.81 -14.61 12.94
C HIS B 177 -9.89 -13.25 12.21
N ILE B 178 -8.73 -12.63 11.97
CA ILE B 178 -8.62 -11.33 11.28
C ILE B 178 -9.24 -11.43 9.87
N HIS B 179 -8.96 -12.52 9.15
CA HIS B 179 -9.49 -12.65 7.80
CA HIS B 179 -9.47 -12.80 7.79
C HIS B 179 -11.00 -12.86 7.80
N ARG B 180 -11.58 -13.51 8.85
CA ARG B 180 -13.04 -13.63 8.98
C ARG B 180 -13.66 -12.26 9.32
N VAL B 181 -12.99 -11.45 10.17
CA VAL B 181 -13.47 -10.09 10.50
C VAL B 181 -13.39 -9.22 9.22
N LEU B 182 -12.27 -9.32 8.48
CA LEU B 182 -12.09 -8.55 7.23
C LEU B 182 -13.22 -8.89 6.24
N ASP B 183 -13.59 -10.20 6.13
CA ASP B 183 -14.70 -10.61 5.26
C ASP B 183 -16.01 -9.99 5.73
N LYS B 184 -16.25 -9.95 7.05
CA LYS B 184 -17.45 -9.33 7.58
C LYS B 184 -17.51 -7.83 7.19
N ILE B 185 -16.37 -7.12 7.27
CA ILE B 185 -16.32 -5.69 6.91
C ILE B 185 -16.63 -5.52 5.43
N THR B 186 -16.07 -6.40 4.57
CA THR B 186 -16.37 -6.39 3.14
C THR B 186 -17.90 -6.50 2.94
N ASP B 187 -18.53 -7.50 3.61
CA ASP B 187 -19.99 -7.71 3.56
C ASP B 187 -20.71 -6.45 3.99
N THR B 188 -20.18 -5.76 5.03
CA THR B 188 -20.75 -4.52 5.55
C THR B 188 -20.68 -3.39 4.49
N LEU B 189 -19.53 -3.24 3.80
CA LEU B 189 -19.34 -2.23 2.74
C LEU B 189 -20.31 -2.49 1.59
N ILE B 190 -20.43 -3.76 1.19
CA ILE B 190 -21.36 -4.15 0.13
C ILE B 190 -22.80 -3.87 0.57
N HIS B 191 -23.11 -4.17 1.85
CA HIS B 191 -24.45 -3.91 2.41
C HIS B 191 -24.79 -2.42 2.35
N LEU B 192 -23.81 -1.52 2.59
CA LEU B 192 -24.03 -0.08 2.55
C LEU B 192 -24.30 0.42 1.12
N MET B 193 -23.54 -0.05 0.15
CA MET B 193 -23.66 0.31 -1.27
C MET B 193 -24.99 -0.19 -1.86
N ALA B 194 -25.41 -1.40 -1.47
CA ALA B 194 -26.68 -1.97 -1.92
C ALA B 194 -27.84 -1.14 -1.35
N LYS B 195 -27.74 -0.74 -0.06
CA LYS B 195 -28.68 0.11 0.67
C LYS B 195 -28.74 1.50 0.02
N ALA B 196 -27.65 1.94 -0.64
CA ALA B 196 -27.57 3.23 -1.36
C ALA B 196 -28.17 3.19 -2.78
N GLY B 197 -28.61 2.01 -3.22
CA GLY B 197 -29.21 1.85 -4.54
C GLY B 197 -28.27 1.48 -5.67
N LEU B 198 -26.99 1.20 -5.38
CA LEU B 198 -26.04 0.82 -6.43
C LEU B 198 -26.33 -0.58 -6.97
N THR B 199 -26.14 -0.80 -8.30
CA THR B 199 -26.30 -2.10 -8.95
C THR B 199 -25.10 -2.98 -8.56
N LEU B 200 -25.15 -4.28 -8.88
CA LEU B 200 -24.07 -5.24 -8.58
C LEU B 200 -22.76 -4.81 -9.23
N GLN B 201 -22.79 -4.33 -10.51
CA GLN B 201 -21.56 -3.87 -11.17
C GLN B 201 -20.96 -2.67 -10.45
N GLN B 202 -21.81 -1.71 -10.07
CA GLN B 202 -21.43 -0.50 -9.33
C GLN B 202 -20.86 -0.82 -7.96
N GLN B 203 -21.47 -1.79 -7.24
CA GLN B 203 -21.03 -2.28 -5.92
C GLN B 203 -19.60 -2.85 -6.01
N HIS B 204 -19.35 -3.82 -6.93
CA HIS B 204 -18.00 -4.37 -7.04
C HIS B 204 -16.99 -3.32 -7.53
N GLN B 205 -17.41 -2.44 -8.48
CA GLN B 205 -16.50 -1.35 -8.94
C GLN B 205 -16.14 -0.39 -7.81
N ARG B 206 -17.13 -0.01 -6.96
CA ARG B 206 -16.89 0.93 -5.86
C ARG B 206 -16.08 0.27 -4.77
N LEU B 207 -16.33 -1.04 -4.51
CA LEU B 207 -15.57 -1.78 -3.51
C LEU B 207 -14.09 -1.76 -3.90
N ALA B 208 -13.81 -2.04 -5.21
CA ALA B 208 -12.44 -2.03 -5.71
C ALA B 208 -11.81 -0.64 -5.61
N GLN B 209 -12.54 0.41 -6.04
CA GLN B 209 -12.01 1.79 -5.98
C GLN B 209 -11.58 2.16 -4.60
N LEU B 210 -12.45 1.92 -3.61
CA LEU B 210 -12.14 2.23 -2.21
C LEU B 210 -10.93 1.45 -1.72
N LEU B 211 -10.87 0.14 -1.97
CA LEU B 211 -9.74 -0.65 -1.47
C LEU B 211 -8.42 -0.34 -2.17
N LEU B 212 -8.46 0.11 -3.41
CA LEU B 212 -7.20 0.48 -4.08
C LEU B 212 -6.61 1.74 -3.47
N ILE B 213 -7.46 2.65 -2.97
CA ILE B 213 -7.05 3.89 -2.26
C ILE B 213 -6.26 3.50 -1.01
N LEU B 214 -6.60 2.34 -0.40
CA LEU B 214 -5.87 1.83 0.76
C LEU B 214 -4.37 1.57 0.47
N SER B 215 -4.02 1.14 -0.78
N SER B 215 -4.04 1.19 -0.78
CA SER B 215 -2.63 0.94 -1.20
CA SER B 215 -2.66 1.00 -1.23
C SER B 215 -1.92 2.28 -1.13
C SER B 215 -1.95 2.35 -1.30
N HIS B 216 -2.59 3.36 -1.58
N HIS B 216 -2.67 3.45 -1.63
CA HIS B 216 -2.05 4.73 -1.55
CA HIS B 216 -2.07 4.79 -1.62
C HIS B 216 -1.86 5.26 -0.14
C HIS B 216 -1.87 5.30 -0.17
N ILE B 217 -2.84 4.99 0.75
CA ILE B 217 -2.75 5.40 2.19
C ILE B 217 -1.53 4.64 2.80
N ARG B 218 -1.38 3.34 2.46
CA ARG B 218 -0.18 2.62 2.92
C ARG B 218 1.11 3.29 2.43
N HIS B 219 1.15 3.66 1.12
CA HIS B 219 2.31 4.32 0.54
C HIS B 219 2.64 5.62 1.26
N MET B 220 1.64 6.47 1.53
CA MET B 220 1.83 7.73 2.23
C MET B 220 2.38 7.52 3.60
N SER B 221 1.88 6.49 4.29
CA SER B 221 2.32 6.16 5.64
C SER B 221 3.78 5.76 5.60
N ASN B 222 4.14 4.84 4.71
CA ASN B 222 5.55 4.38 4.59
C ASN B 222 6.48 5.54 4.30
N LYS B 223 6.10 6.43 3.36
CA LYS B 223 6.94 7.55 2.97
C LYS B 223 7.08 8.55 4.10
N GLY B 224 5.97 8.86 4.76
CA GLY B 224 5.96 9.79 5.89
C GLY B 224 6.73 9.26 7.07
N MET B 225 6.50 7.98 7.41
CA MET B 225 7.18 7.29 8.54
C MET B 225 8.70 7.37 8.37
N GLU B 226 9.19 7.11 7.14
CA GLU B 226 10.61 7.14 6.80
C GLU B 226 11.20 8.50 7.16
N HIS B 227 10.44 9.58 6.92
CA HIS B 227 10.92 10.91 7.30
C HIS B 227 10.79 11.09 8.80
N LEU B 228 9.64 10.69 9.39
CA LEU B 228 9.44 10.89 10.83
C LEU B 228 10.45 10.16 11.73
N TYR B 229 10.97 8.98 11.31
CA TYR B 229 11.92 8.26 12.18
C TYR B 229 13.39 8.56 11.85
N SER B 230 13.68 9.45 10.89
CA SER B 230 15.03 9.90 10.60
C SER B 230 15.49 10.72 11.80
N MET B 231 16.80 10.82 12.03
CA MET B 231 17.31 11.60 13.15
C MET B 231 16.93 13.08 13.07
N LYS B 232 17.07 13.71 11.89
CA LYS B 232 16.72 15.11 11.72
C LYS B 232 15.28 15.41 12.07
N CYS B 233 14.33 14.50 11.73
CA CYS B 233 12.93 14.68 12.07
C CYS B 233 12.70 14.50 13.55
N LYS B 234 13.45 13.58 14.19
CA LYS B 234 13.32 13.33 15.64
C LYS B 234 13.86 14.50 16.48
N ASN B 235 14.85 15.24 15.98
CA ASN B 235 15.51 16.35 16.68
C ASN B 235 14.84 17.73 16.58
N VAL B 236 13.86 17.92 15.67
CA VAL B 236 13.20 19.23 15.47
C VAL B 236 12.54 19.71 16.77
N VAL B 237 11.69 18.86 17.37
CA VAL B 237 11.02 19.17 18.63
C VAL B 237 11.07 17.93 19.57
N PRO B 238 10.99 18.10 20.91
CA PRO B 238 10.96 16.91 21.78
C PRO B 238 9.67 16.13 21.53
N LEU B 239 9.78 14.82 21.40
CA LEU B 239 8.62 13.96 21.11
C LEU B 239 8.20 13.26 22.37
N SER B 240 6.90 13.00 22.52
CA SER B 240 6.39 12.28 23.72
C SER B 240 6.96 10.86 23.70
N ASP B 241 7.04 10.23 24.86
CA ASP B 241 7.52 8.85 24.96
C ASP B 241 6.65 7.90 24.10
N LEU B 242 5.31 8.07 24.11
CA LEU B 242 4.41 7.26 23.27
C LEU B 242 4.71 7.39 21.77
N LEU B 243 4.86 8.63 21.26
CA LEU B 243 5.11 8.86 19.83
C LEU B 243 6.43 8.24 19.40
N LEU B 244 7.47 8.36 20.23
CA LEU B 244 8.80 7.82 20.01
C LEU B 244 8.74 6.28 19.98
N GLU B 245 7.96 5.66 20.88
CA GLU B 245 7.80 4.20 20.84
C GLU B 245 7.03 3.75 19.59
N MET B 246 6.06 4.54 19.10
CA MET B 246 5.28 4.19 17.89
C MET B 246 6.16 4.34 16.65
N LEU B 247 7.08 5.32 16.66
CA LEU B 247 8.05 5.52 15.57
C LEU B 247 9.11 4.43 15.55
N ASP B 248 9.67 4.09 16.75
CA ASP B 248 10.74 3.10 16.80
CA ASP B 248 10.71 3.06 16.91
C ASP B 248 10.27 1.70 16.36
N ALA B 249 8.97 1.37 16.48
CA ALA B 249 8.39 0.10 15.99
C ALA B 249 8.68 -0.04 14.48
N HIS B 250 8.72 1.09 13.73
CA HIS B 250 9.02 1.09 12.30
C HIS B 250 10.50 1.31 12.02
N ARG B 251 11.19 2.15 12.81
CA ARG B 251 12.62 2.43 12.66
C ARG B 251 13.46 1.15 12.77
N LEU B 252 13.02 0.20 13.61
CA LEU B 252 13.73 -1.09 13.81
C LEU B 252 13.99 -1.87 12.53
N HIS B 253 13.07 -1.79 11.57
CA HIS B 253 13.21 -2.49 10.29
C HIS B 253 14.01 -1.70 9.25
N ALA B 254 14.11 -0.35 9.43
CA ALA B 254 14.83 0.59 8.55
C ALA B 254 16.33 0.24 8.37
N PRO B 255 16.98 0.61 7.22
CA PRO B 255 18.41 0.30 7.04
C PRO B 255 19.32 1.07 7.99
N THR B 256 20.54 0.51 8.23
CA THR B 256 21.57 1.09 9.10
C THR B 256 22.64 1.81 8.28
N LYS C 1 17.38 15.89 -22.45
CA LYS C 1 17.92 14.57 -22.13
C LYS C 1 16.85 13.71 -21.46
N HIS C 2 16.65 12.48 -22.00
CA HIS C 2 15.66 11.53 -21.48
C HIS C 2 16.30 10.22 -21.03
N LYS C 3 15.95 9.81 -19.79
CA LYS C 3 16.41 8.60 -19.09
C LYS C 3 16.18 7.29 -19.88
N ILE C 4 16.92 6.22 -19.49
CA ILE C 4 16.90 4.87 -20.09
C ILE C 4 15.48 4.31 -20.17
N LEU C 5 14.68 4.50 -19.09
CA LEU C 5 13.29 4.04 -19.05
C LEU C 5 12.46 4.74 -20.13
N HIS C 6 12.64 6.07 -20.27
CA HIS C 6 11.93 6.85 -21.28
C HIS C 6 12.29 6.39 -22.70
N ARG C 7 13.58 6.07 -22.90
CA ARG C 7 14.16 5.60 -24.17
C ARG C 7 13.58 4.22 -24.54
N LEU C 8 13.58 3.27 -23.59
CA LEU C 8 13.05 1.93 -23.82
C LEU C 8 11.55 1.93 -24.05
N LEU C 9 10.83 2.87 -23.42
CA LEU C 9 9.38 2.99 -23.60
C LEU C 9 9.03 3.59 -24.95
N GLN C 10 9.86 4.54 -25.41
CA GLN C 10 9.73 5.27 -26.66
C GLN C 10 9.93 4.35 -27.88
N ASP C 11 10.91 3.42 -27.79
CA ASP C 11 11.31 2.44 -28.82
C ASP C 11 10.13 1.74 -29.49
N SER C 12 10.22 1.51 -30.82
CA SER C 12 9.21 0.86 -31.65
C SER C 12 9.84 -0.14 -32.63
N LYS D 1 11.92 -4.57 27.60
CA LYS D 1 11.20 -3.46 27.01
C LYS D 1 9.69 -3.48 27.30
N HIS D 2 9.23 -2.63 28.25
CA HIS D 2 7.82 -2.49 28.63
C HIS D 2 7.22 -1.29 27.89
N LYS D 3 6.49 -1.57 26.81
CA LYS D 3 5.91 -0.51 25.99
C LYS D 3 4.72 0.17 26.67
N ILE D 4 4.56 1.48 26.40
CA ILE D 4 3.42 2.29 26.88
C ILE D 4 2.12 1.71 26.28
N LEU D 5 2.19 1.30 25.01
CA LEU D 5 1.05 0.74 24.29
C LEU D 5 0.49 -0.49 25.03
N HIS D 6 1.39 -1.31 25.62
CA HIS D 6 1.00 -2.48 26.42
C HIS D 6 0.17 -2.04 27.60
N ARG D 7 0.58 -0.95 28.29
CA ARG D 7 -0.20 -0.43 29.41
C ARG D 7 -1.52 0.13 28.89
N LEU D 8 -1.47 1.05 27.89
CA LEU D 8 -2.67 1.71 27.37
C LEU D 8 -3.74 0.77 26.82
N LEU D 9 -3.33 -0.39 26.28
CA LEU D 9 -4.30 -1.36 25.75
C LEU D 9 -5.04 -2.13 26.85
N GLN D 10 -4.47 -2.23 28.06
CA GLN D 10 -5.12 -2.89 29.19
C GLN D 10 -6.33 -2.03 29.65
N ASP D 11 -7.43 -2.68 30.05
CA ASP D 11 -8.70 -2.02 30.42
C ASP D 11 -8.54 -0.95 31.53
CAN OBH E . 12.31 -9.87 -6.10
CAJ OBH E . 11.75 -10.34 -7.28
CAW OBH E . 12.53 -10.49 -8.41
OAC OBH E . 11.95 -10.95 -9.56
CAK OBH E . 13.88 -10.14 -8.38
CAO OBH E . 14.44 -9.69 -7.20
CAZ OBH E . 13.67 -9.55 -6.04
CAU OBH E . 14.27 -9.05 -4.79
CAV OBH E . 15.27 -8.17 -4.53
CBA OBH E . 16.06 -7.23 -5.36
CAP OBH E . 15.43 -6.44 -6.32
CAL OBH E . 16.12 -5.44 -6.97
CAX OBH E . 17.47 -5.23 -6.71
OAD OBH E . 18.11 -4.18 -7.28
CAM OBH E . 18.12 -6.04 -5.79
CAQ OBH E . 17.41 -7.04 -5.12
CBC OBH E . 15.38 -8.16 -3.02
OAS OBH E . 14.98 -9.48 -2.64
CBB OBH E . 13.78 -9.49 -3.43
CAR OBH E . 12.96 -8.29 -2.90
CBD OBH E . 14.12 -7.33 -2.65
SBE OBH E . 14.16 -6.76 -1.03
OAA OBH E . 13.06 -5.88 -0.88
OAB OBH E . 14.36 -7.85 -0.11
OAT OBH E . 15.47 -5.85 -1.06
CAY OBH E . 16.37 -5.77 0.04
CAH OBH E . 15.87 -5.69 1.34
CAF OBH E . 16.76 -5.55 2.39
CAE OBH E . 18.13 -5.49 2.16
CAG OBH E . 18.61 -5.58 0.86
CAI OBH E . 17.74 -5.72 -0.20
CAN OBH F . -1.67 13.61 9.94
CAJ OBH F . -2.90 13.42 10.55
CAW OBH F . -3.07 13.78 11.88
OAC OBH F . -4.30 13.66 12.45
CAK OBH F . -2.00 14.30 12.60
CAO OBH F . -0.78 14.50 11.99
CAZ OBH F . -0.60 14.16 10.64
CAU OBH F . 0.70 14.42 9.96
CAV OBH F . 1.98 14.49 10.40
CBA OBH F . 2.63 14.13 11.69
CAP OBH F . 2.18 13.00 12.39
CAL OBH F . 2.92 12.51 13.45
CAX OBH F . 4.10 13.12 13.84
OAD OBH F . 4.81 12.56 14.86
CAM OBH F . 4.52 14.27 13.18
CAQ OBH F . 3.78 14.78 12.11
CBC OBH F . 2.79 14.79 9.17
OAS OBH F . 1.90 15.55 8.34
CBB OBH F . 0.78 14.65 8.46
CAR OBH F . 1.32 13.31 7.89
CBD OBH F . 2.76 13.43 8.44
SBE OBH F . 3.98 13.34 7.21
OAA OBH F . 4.01 12.00 6.75
OAB OBH F . 3.89 14.47 6.33
OAT OBH F . 5.30 13.48 8.11
CAY OBH F . 6.46 14.15 7.66
CAH OBH F . 6.93 13.95 6.37
CAF OBH F . 8.11 14.57 5.98
CAE OBH F . 8.82 15.35 6.88
CAG OBH F . 8.36 15.52 8.16
CAI OBH F . 7.17 14.94 8.56
#